data_5FBB
#
_entry.id   5FBB
#
_cell.length_a   42.840
_cell.length_b   47.640
_cell.length_c   62.600
_cell.angle_alpha   106.42
_cell.angle_beta   90.09
_cell.angle_gamma   106.25
#
_symmetry.space_group_name_H-M   'P 1'
#
loop_
_entity.id
_entity.type
_entity.pdbx_description
1 polymer 'Nuclease S1'
2 non-polymer 'ZINC ION'
3 non-polymer 2-acetamido-2-deoxy-beta-D-glucopyranose
4 non-polymer 'PHOSPHATE ION'
5 non-polymer 'ADENOSINE MONOPHOSPHATE'
6 non-polymer 'SODIUM ION'
7 non-polymer 'CALCIUM ION'
8 non-polymer 2-[BIS-(2-HYDROXY-ETHYL)-AMINO]-2-HYDROXYMETHYL-PROPANE-1,3-DIOL
9 non-polymer 2-{2-[2-2-(METHOXY-ETHOXY)-ETHOXY]-ETHOXY}-ETHANOL
10 water water
#
_entity_poly.entity_id   1
_entity_poly.type   'polypeptide(L)'
_entity_poly.pdbx_seq_one_letter_code
;WGNLGHETVAYIAQSFVASSTESFCQNILGDDSTSYLANVATWADTYKYTDAGEFSKPYHFIDAQDNPPQSCGVDYDRDC
GSAGCSISAIQNYTNILLESPNGSEALNALKFVVHIIGDIHQPLHDENLEAGGNGIDVTYDGETTNLHHIWDTNMPEEAA
GGYSLSVAKTYADLLTERIKTGTYSSKKDSWTDGIDIKDPVSTSMIWAADANTYVCSTVLDDGLAYINSTDLSGEYYDKS
QPVFEELIAKAGYRLAAWLDLIASQPS
;
_entity_poly.pdbx_strand_id   A,B
#
# COMPACT_ATOMS: atom_id res chain seq x y z
N TRP A 1 11.79 17.06 -3.83
CA TRP A 1 13.15 17.24 -4.36
C TRP A 1 13.28 18.64 -4.86
N GLY A 2 14.53 19.08 -5.02
CA GLY A 2 14.83 20.29 -5.72
C GLY A 2 14.85 20.02 -7.21
N ASN A 3 15.39 20.96 -7.98
CA ASN A 3 15.20 20.91 -9.44
C ASN A 3 15.85 19.71 -10.09
N LEU A 4 17.07 19.39 -9.70
CA LEU A 4 17.81 18.29 -10.31
C LEU A 4 17.02 16.98 -10.08
N GLY A 5 16.50 16.80 -8.87
CA GLY A 5 15.74 15.62 -8.53
C GLY A 5 14.53 15.43 -9.42
N HIS A 6 13.75 16.50 -9.60
CA HIS A 6 12.57 16.48 -10.48
C HIS A 6 12.86 16.27 -11.92
N GLU A 7 13.92 16.90 -12.39
CA GLU A 7 14.30 16.73 -13.82
C GLU A 7 14.78 15.32 -14.07
N THR A 8 15.54 14.78 -13.13
CA THR A 8 16.03 13.38 -13.24
C THR A 8 14.87 12.38 -13.32
N VAL A 9 13.93 12.54 -12.39
CA VAL A 9 12.75 11.68 -12.41
C VAL A 9 12.08 11.74 -13.79
N ALA A 10 11.85 12.96 -14.28
CA ALA A 10 11.22 13.16 -15.60
C ALA A 10 11.99 12.53 -16.78
N TYR A 11 13.31 12.71 -16.82
CA TYR A 11 14.10 12.07 -17.89
C TYR A 11 14.07 10.57 -17.81
N ILE A 12 14.10 10.03 -16.59
CA ILE A 12 13.88 8.59 -16.38
C ILE A 12 12.50 8.17 -16.96
N ALA A 13 11.42 8.88 -16.60
CA ALA A 13 10.12 8.50 -17.15
C ALA A 13 10.16 8.50 -18.72
N GLN A 14 10.76 9.53 -19.32
CA GLN A 14 10.88 9.64 -20.76
C GLN A 14 11.51 8.39 -21.37
N SER A 15 12.47 7.78 -20.69
CA SER A 15 13.08 6.58 -21.21
C SER A 15 12.22 5.32 -21.08
N PHE A 16 11.14 5.37 -20.30
CA PHE A 16 10.27 4.14 -20.18
C PHE A 16 8.88 4.21 -20.74
N VAL A 17 8.39 5.39 -21.00
CA VAL A 17 7.03 5.50 -21.57
C VAL A 17 7.01 4.91 -22.97
N ALA A 18 5.85 4.34 -23.30
CA ALA A 18 5.56 3.88 -24.68
C ALA A 18 5.57 5.02 -25.65
N SER A 19 5.87 4.73 -26.91
CA SER A 19 5.85 5.78 -27.95
C SER A 19 4.55 6.49 -28.07
N SER A 20 3.44 5.77 -27.90
CA SER A 20 2.12 6.41 -27.96
C SER A 20 1.88 7.33 -26.72
N THR A 21 2.46 6.97 -25.60
CA THR A 21 2.39 7.80 -24.41
C THR A 21 3.22 9.11 -24.59
N GLU A 22 4.40 8.95 -25.18
CA GLU A 22 5.22 10.07 -25.52
C GLU A 22 4.41 11.04 -26.37
N SER A 23 3.76 10.53 -27.44
CA SER A 23 2.90 11.40 -28.26
C SER A 23 1.86 12.16 -27.51
N PHE A 24 1.09 11.40 -26.73
CA PHE A 24 0.01 11.94 -25.92
C PHE A 24 0.52 13.13 -25.11
N CYS A 25 1.64 12.89 -24.42
CA CYS A 25 2.20 13.91 -23.53
C CYS A 25 2.71 15.14 -24.29
N GLN A 26 3.47 14.90 -25.35
CA GLN A 26 3.99 15.96 -26.19
C GLN A 26 2.88 16.86 -26.73
N ASN A 27 1.78 16.21 -27.10
CA ASN A 27 0.65 16.91 -27.64
C ASN A 27 0.07 17.86 -26.57
N ILE A 28 -0.17 17.33 -25.35
CA ILE A 28 -0.66 18.16 -24.27
C ILE A 28 0.30 19.31 -23.99
N LEU A 29 1.57 18.99 -23.91
CA LEU A 29 2.58 19.97 -23.49
C LEU A 29 2.98 20.98 -24.61
N GLY A 30 2.65 20.67 -25.87
CA GLY A 30 3.10 21.46 -27.01
C GLY A 30 4.62 21.52 -27.15
N ASP A 31 5.28 20.40 -26.92
CA ASP A 31 6.71 20.32 -26.83
C ASP A 31 7.11 18.91 -27.23
N ASP A 32 7.82 18.76 -28.37
CA ASP A 32 8.37 17.46 -28.81
C ASP A 32 9.91 17.39 -28.69
N SER A 33 10.51 18.26 -27.89
CA SER A 33 11.92 18.19 -27.64
C SER A 33 12.25 16.90 -26.90
N THR A 34 13.54 16.63 -26.85
CA THR A 34 14.04 15.48 -26.10
C THR A 34 14.05 15.74 -24.57
N SER A 35 13.57 16.92 -24.15
CA SER A 35 13.38 17.28 -22.71
C SER A 35 11.90 17.59 -22.36
N TYR A 36 10.95 17.03 -23.12
CA TYR A 36 9.54 17.43 -22.98
C TYR A 36 8.98 17.30 -21.58
N LEU A 37 9.27 16.19 -20.88
CA LEU A 37 8.81 16.11 -19.48
C LEU A 37 9.73 16.90 -18.52
N ALA A 38 11.02 16.77 -18.73
CA ALA A 38 12.02 17.45 -17.86
C ALA A 38 11.81 19.00 -17.84
N ASN A 39 11.38 19.55 -18.96
CA ASN A 39 11.14 20.97 -19.12
C ASN A 39 10.02 21.51 -18.22
N VAL A 40 9.09 20.64 -17.81
CA VAL A 40 7.95 21.00 -16.97
C VAL A 40 8.01 20.45 -15.56
N ALA A 41 9.09 19.78 -15.22
CA ALA A 41 9.13 18.99 -13.98
C ALA A 41 9.25 19.82 -12.74
N THR A 42 9.69 21.07 -12.89
CA THR A 42 9.87 21.99 -11.76
C THR A 42 8.77 23.07 -11.64
N TRP A 43 7.91 23.13 -12.66
CA TRP A 43 6.91 24.16 -12.69
C TRP A 43 6.09 24.29 -11.41
N ALA A 44 5.55 23.18 -10.90
CA ALA A 44 4.74 23.21 -9.70
C ALA A 44 5.42 23.90 -8.54
N ASP A 45 6.75 23.80 -8.45
CA ASP A 45 7.53 24.47 -7.41
C ASP A 45 7.54 25.97 -7.56
N THR A 46 7.52 26.50 -8.77
CA THR A 46 7.29 27.96 -8.96
C THR A 46 5.88 28.35 -8.59
N TYR A 47 4.93 27.58 -9.10
CA TYR A 47 3.56 27.95 -9.00
C TYR A 47 3.09 28.07 -7.58
N LYS A 48 3.56 27.20 -6.68
CA LYS A 48 3.13 27.22 -5.31
C LYS A 48 3.54 28.50 -4.55
N TYR A 49 4.49 29.27 -5.10
CA TYR A 49 4.94 30.52 -4.42
C TYR A 49 4.27 31.75 -5.01
N THR A 50 3.34 31.53 -5.91
CA THR A 50 2.55 32.63 -6.50
C THR A 50 1.22 32.75 -5.84
N ASP A 51 0.58 33.92 -5.93
CA ASP A 51 -0.79 34.04 -5.45
C ASP A 51 -1.76 33.07 -6.10
N ALA A 52 -1.66 32.91 -7.39
CA ALA A 52 -2.58 32.08 -8.11
C ALA A 52 -2.41 30.59 -7.73
N GLY A 53 -1.19 30.18 -7.42
CA GLY A 53 -0.86 28.78 -7.17
C GLY A 53 -0.70 28.44 -5.68
N GLU A 54 -0.92 29.38 -4.78
CA GLU A 54 -0.76 29.16 -3.33
C GLU A 54 -1.53 27.90 -2.86
N PHE A 55 -2.72 27.71 -3.39
CA PHE A 55 -3.59 26.59 -3.01
C PHE A 55 -2.91 25.22 -3.18
N SER A 56 -1.96 25.14 -4.12
CA SER A 56 -1.29 23.91 -4.45
C SER A 56 -0.08 23.58 -3.57
N LYS A 57 0.25 24.45 -2.62
CA LYS A 57 1.39 24.17 -1.73
C LYS A 57 1.29 22.85 -0.99
N PRO A 58 0.12 22.52 -0.45
CA PRO A 58 0.00 21.22 0.25
C PRO A 58 0.12 20.00 -0.62
N TYR A 59 -0.01 20.16 -1.96
CA TYR A 59 -0.04 19.04 -2.89
C TYR A 59 1.35 18.38 -3.07
N HIS A 60 2.40 18.95 -2.47
CA HIS A 60 3.77 18.42 -2.58
C HIS A 60 4.11 17.32 -1.58
N PHE A 61 3.23 17.12 -0.60
CA PHE A 61 3.57 16.23 0.48
C PHE A 61 2.34 15.65 1.15
N ILE A 62 2.59 14.65 1.97
CA ILE A 62 1.52 14.13 2.91
C ILE A 62 2.18 14.05 4.31
N ASP A 63 1.64 14.77 5.27
CA ASP A 63 2.31 14.92 6.54
C ASP A 63 1.95 13.71 7.41
N ALA A 64 2.65 12.60 7.18
CA ALA A 64 2.39 11.39 7.93
C ALA A 64 2.68 11.64 9.43
N GLN A 65 1.71 11.30 10.25
CA GLN A 65 1.80 11.56 11.72
C GLN A 65 2.19 10.25 12.44
N ASP A 66 3.43 9.85 12.25
CA ASP A 66 3.94 8.60 12.79
C ASP A 66 5.04 8.96 13.84
N ASN A 67 5.86 8.02 14.25
CA ASN A 67 6.85 8.26 15.35
C ASN A 67 8.22 7.68 14.94
N PRO A 68 8.88 8.30 13.95
CA PRO A 68 10.15 7.78 13.50
C PRO A 68 11.32 8.09 14.47
N PRO A 69 12.34 7.22 14.57
CA PRO A 69 12.53 6.02 13.74
C PRO A 69 11.93 4.73 14.29
N GLN A 70 11.20 4.83 15.37
CA GLN A 70 10.60 3.65 16.02
C GLN A 70 9.43 3.03 15.26
N SER A 71 8.59 3.89 14.70
CA SER A 71 7.36 3.50 14.05
C SER A 71 7.06 4.44 12.86
N CYS A 72 6.89 3.89 11.65
CA CYS A 72 6.60 4.72 10.49
C CYS A 72 5.27 4.24 9.91
N GLY A 73 4.49 5.13 9.33
CA GLY A 73 3.28 4.71 8.66
C GLY A 73 2.54 5.91 8.13
N VAL A 74 1.80 5.75 7.05
CA VAL A 74 1.05 6.86 6.45
C VAL A 74 -0.38 6.40 6.39
N ASP A 75 -1.32 7.30 6.59
CA ASP A 75 -2.75 6.95 6.52
C ASP A 75 -3.48 8.10 5.85
N TYR A 76 -4.12 7.84 4.72
CA TYR A 76 -4.76 8.89 3.93
C TYR A 76 -5.78 9.78 4.73
N ASP A 77 -6.74 9.11 5.34
CA ASP A 77 -7.81 9.81 6.07
C ASP A 77 -7.21 10.57 7.22
N ARG A 78 -6.23 9.98 7.92
CA ARG A 78 -5.59 10.68 9.07
C ARG A 78 -4.69 11.86 8.70
N ASP A 79 -3.99 11.74 7.59
CA ASP A 79 -2.81 12.54 7.32
C ASP A 79 -2.95 13.50 6.15
N CYS A 80 -3.92 13.29 5.25
CA CYS A 80 -4.04 14.18 4.08
C CYS A 80 -4.30 15.65 4.48
N GLY A 81 -5.37 15.83 5.27
CA GLY A 81 -5.77 17.14 5.74
C GLY A 81 -6.83 17.81 4.91
N SER A 82 -7.39 18.89 5.46
CA SER A 82 -8.50 19.61 4.80
C SER A 82 -8.13 20.39 3.52
N ALA A 83 -6.85 20.66 3.32
CA ALA A 83 -6.43 21.44 2.15
C ALA A 83 -5.87 20.53 1.06
N GLY A 84 -5.84 19.22 1.28
CA GLY A 84 -5.40 18.30 0.27
C GLY A 84 -3.95 17.97 0.49
N CYS A 85 -3.44 17.03 -0.30
CA CYS A 85 -2.03 16.53 -0.15
C CYS A 85 -1.60 15.99 -1.46
N SER A 86 -0.41 15.40 -1.47
CA SER A 86 0.08 14.76 -2.67
C SER A 86 -0.85 13.69 -3.21
N ILE A 87 -1.41 12.90 -2.31
CA ILE A 87 -2.28 11.79 -2.69
C ILE A 87 -3.58 12.26 -3.35
N SER A 88 -4.28 13.22 -2.72
CA SER A 88 -5.51 13.75 -3.29
C SER A 88 -5.24 14.46 -4.62
N ALA A 89 -4.10 15.14 -4.72
CA ALA A 89 -3.71 15.80 -5.97
C ALA A 89 -3.52 14.78 -7.11
N ILE A 90 -2.77 13.70 -6.87
CA ILE A 90 -2.66 12.67 -7.88
C ILE A 90 -4.04 12.14 -8.31
N GLN A 91 -4.93 11.94 -7.38
CA GLN A 91 -6.30 11.58 -7.75
C GLN A 91 -6.98 12.58 -8.69
N ASN A 92 -6.96 13.85 -8.25
CA ASN A 92 -7.64 14.92 -9.04
C ASN A 92 -7.03 15.05 -10.43
N TYR A 93 -5.70 15.14 -10.47
CA TYR A 93 -5.05 15.51 -11.73
C TYR A 93 -4.99 14.31 -12.68
N THR A 94 -4.80 13.11 -12.14
CA THR A 94 -5.04 11.88 -12.93
C THR A 94 -6.44 11.84 -13.53
N ASN A 95 -7.45 12.12 -12.72
CA ASN A 95 -8.81 12.08 -13.26
C ASN A 95 -9.02 13.08 -14.36
N ILE A 96 -8.44 14.28 -14.21
CA ILE A 96 -8.54 15.28 -15.24
C ILE A 96 -7.96 14.75 -16.55
N LEU A 97 -6.77 14.15 -16.47
CA LEU A 97 -6.12 13.63 -17.69
C LEU A 97 -6.84 12.41 -18.31
N LEU A 98 -7.48 11.61 -17.46
CA LEU A 98 -8.23 10.43 -17.91
C LEU A 98 -9.47 10.87 -18.63
N GLU A 99 -10.16 11.87 -18.11
CA GLU A 99 -11.49 12.21 -18.62
C GLU A 99 -11.51 13.43 -19.52
N SER A 100 -10.55 14.35 -19.36
CA SER A 100 -10.55 15.66 -20.12
C SER A 100 -9.13 16.04 -20.57
N PRO A 101 -8.42 15.10 -21.20
CA PRO A 101 -7.05 15.38 -21.70
C PRO A 101 -6.93 16.53 -22.72
N ASN A 102 -8.05 16.92 -23.31
CA ASN A 102 -8.10 18.10 -24.22
C ASN A 102 -8.79 19.35 -23.63
N GLY A 103 -9.16 19.31 -22.36
CA GLY A 103 -9.71 20.49 -21.69
C GLY A 103 -8.62 21.48 -21.33
N SER A 104 -9.03 22.63 -20.80
CA SER A 104 -8.05 23.66 -20.42
C SER A 104 -7.17 23.24 -19.23
N GLU A 105 -7.69 22.31 -18.43
CA GLU A 105 -7.00 21.90 -17.23
C GLU A 105 -5.90 20.82 -17.45
N ALA A 106 -5.82 20.23 -18.62
CA ALA A 106 -4.93 19.10 -18.87
C ALA A 106 -3.48 19.44 -18.73
N LEU A 107 -3.10 20.61 -19.23
CA LEU A 107 -1.65 21.00 -19.26
C LEU A 107 -1.10 21.09 -17.84
N ASN A 108 -1.74 21.86 -16.98
CA ASN A 108 -1.32 21.89 -15.58
C ASN A 108 -1.44 20.54 -14.90
N ALA A 109 -2.53 19.82 -15.18
CA ALA A 109 -2.68 18.49 -14.59
C ALA A 109 -1.43 17.63 -14.86
N LEU A 110 -0.96 17.62 -16.11
CA LEU A 110 0.17 16.80 -16.48
C LEU A 110 1.43 17.30 -15.79
N LYS A 111 1.62 18.62 -15.75
CA LYS A 111 2.79 19.14 -15.04
C LYS A 111 2.80 18.77 -13.55
N PHE A 112 1.64 18.84 -12.94
CA PHE A 112 1.49 18.43 -11.56
C PHE A 112 1.82 16.93 -11.34
N VAL A 113 1.29 16.07 -12.20
CA VAL A 113 1.56 14.61 -12.06
C VAL A 113 3.07 14.30 -12.14
N VAL A 114 3.72 14.92 -13.14
CA VAL A 114 5.15 14.73 -13.32
C VAL A 114 5.91 15.11 -12.04
N HIS A 115 5.57 16.26 -11.51
CA HIS A 115 6.26 16.76 -10.29
C HIS A 115 5.95 15.99 -9.03
N ILE A 116 4.67 15.76 -8.83
CA ILE A 116 4.19 15.20 -7.56
C ILE A 116 4.57 13.74 -7.45
N ILE A 117 4.58 12.98 -8.53
CA ILE A 117 5.05 11.56 -8.39
C ILE A 117 6.51 11.61 -7.93
N GLY A 118 7.28 12.63 -8.38
CA GLY A 118 8.66 12.75 -7.88
C GLY A 118 8.61 13.00 -6.36
N ASP A 119 7.88 13.99 -5.94
CA ASP A 119 7.84 14.39 -4.51
C ASP A 119 7.41 13.28 -3.56
N ILE A 120 6.51 12.42 -4.02
CA ILE A 120 6.03 11.30 -3.25
C ILE A 120 7.20 10.39 -2.86
N HIS A 121 8.19 10.29 -3.72
CA HIS A 121 9.36 9.48 -3.45
C HIS A 121 10.47 10.06 -2.62
N GLN A 122 10.38 11.34 -2.22
CA GLN A 122 11.29 11.95 -1.29
C GLN A 122 10.73 11.61 0.09
N PRO A 123 11.43 10.75 0.90
CA PRO A 123 10.81 10.25 2.11
C PRO A 123 10.32 11.38 3.05
N LEU A 124 11.04 12.49 3.13
CA LEU A 124 10.61 13.57 4.02
C LEU A 124 9.38 14.38 3.52
N HIS A 125 8.95 14.17 2.26
CA HIS A 125 7.66 14.62 1.77
C HIS A 125 6.51 13.69 2.21
N ASP A 126 6.82 12.60 2.92
CA ASP A 126 5.83 11.71 3.50
C ASP A 126 5.98 11.63 5.01
N GLU A 127 6.27 12.76 5.64
CA GLU A 127 6.55 12.83 7.11
C GLU A 127 6.22 14.17 7.69
N ASN A 128 5.47 14.16 8.78
CA ASN A 128 5.02 15.41 9.41
C ASN A 128 6.12 16.04 10.23
N LEU A 129 6.92 15.23 10.91
CA LEU A 129 7.88 15.74 11.87
C LEU A 129 8.62 16.98 11.42
N GLU A 130 8.52 18.06 12.22
CA GLU A 130 9.30 19.30 12.02
C GLU A 130 9.14 19.82 10.58
N ALA A 131 7.92 19.75 10.11
CA ALA A 131 7.62 20.13 8.72
C ALA A 131 8.45 19.39 7.68
N GLY A 132 8.36 18.06 7.68
CA GLY A 132 9.20 17.19 6.86
C GLY A 132 10.69 17.35 7.08
N GLY A 133 11.07 17.66 8.31
CA GLY A 133 12.48 17.91 8.65
C GLY A 133 13.02 19.29 8.31
N ASN A 134 12.19 20.19 7.74
CA ASN A 134 12.64 21.57 7.48
C ASN A 134 13.11 22.27 8.78
N GLY A 135 12.49 21.90 9.90
CA GLY A 135 12.81 22.51 11.17
C GLY A 135 13.99 21.86 11.88
N ILE A 136 14.64 20.89 11.26
CA ILE A 136 15.84 20.21 11.84
C ILE A 136 17.08 20.79 11.23
N ASP A 137 17.80 21.62 11.98
CA ASP A 137 19.04 22.19 11.49
C ASP A 137 20.15 21.16 11.52
N VAL A 138 20.95 21.12 10.47
CA VAL A 138 22.07 20.24 10.37
C VAL A 138 23.32 20.94 9.77
N THR A 139 24.46 20.29 9.89
CA THR A 139 25.68 20.68 9.21
C THR A 139 25.91 19.75 8.05
N TYR A 140 26.24 20.32 6.90
CA TYR A 140 26.57 19.58 5.71
C TYR A 140 27.76 20.22 5.02
N ASP A 141 28.83 19.44 4.92
CA ASP A 141 30.09 19.89 4.31
C ASP A 141 30.53 21.25 4.87
N GLY A 142 30.46 21.36 6.19
CA GLY A 142 31.00 22.49 6.90
C GLY A 142 30.06 23.68 7.01
N GLU A 143 28.87 23.59 6.39
CA GLU A 143 27.88 24.69 6.42
C GLU A 143 26.55 24.26 7.05
N THR A 144 25.82 25.21 7.63
CA THR A 144 24.55 24.98 8.27
C THR A 144 23.42 24.99 7.23
N THR A 145 22.53 24.04 7.34
CA THR A 145 21.36 23.96 6.46
C THR A 145 20.31 23.23 7.28
N ASN A 146 19.39 22.52 6.63
CA ASN A 146 18.43 21.69 7.37
C ASN A 146 18.26 20.31 6.73
N LEU A 147 17.66 19.38 7.44
CA LEU A 147 17.60 17.98 7.01
C LEU A 147 16.81 17.80 5.74
N HIS A 148 15.67 18.50 5.65
CA HIS A 148 14.86 18.45 4.42
C HIS A 148 15.66 18.83 3.19
N HIS A 149 16.39 19.92 3.32
CA HIS A 149 17.18 20.52 2.25
C HIS A 149 18.30 19.61 1.74
N ILE A 150 18.94 18.86 2.64
CA ILE A 150 19.99 17.97 2.17
C ILE A 150 19.45 16.76 1.37
N TRP A 151 18.26 16.30 1.74
CA TRP A 151 17.52 15.29 0.99
C TRP A 151 17.05 15.85 -0.32
N ASP A 152 16.43 17.04 -0.31
CA ASP A 152 15.96 17.62 -1.59
C ASP A 152 17.06 17.92 -2.61
N THR A 153 18.16 18.45 -2.09
CA THR A 153 19.12 19.19 -2.88
C THR A 153 20.56 18.77 -2.65
N ASN A 154 21.13 18.96 -1.45
CA ASN A 154 22.60 18.84 -1.34
C ASN A 154 23.11 17.48 -1.70
N MET A 155 22.45 16.45 -1.16
CA MET A 155 22.95 15.09 -1.41
C MET A 155 22.75 14.62 -2.86
N PRO A 156 21.55 14.81 -3.46
CA PRO A 156 21.45 14.33 -4.83
C PRO A 156 22.36 15.07 -5.79
N GLU A 157 22.55 16.38 -5.54
CA GLU A 157 23.40 17.18 -6.41
CA GLU A 157 23.42 17.21 -6.40
C GLU A 157 24.88 16.82 -6.24
N GLU A 158 25.30 16.50 -5.01
CA GLU A 158 26.65 15.98 -4.82
C GLU A 158 26.84 14.64 -5.58
N ALA A 159 25.83 13.76 -5.47
CA ALA A 159 25.90 12.43 -6.12
C ALA A 159 25.95 12.54 -7.66
N ALA A 160 25.18 13.49 -8.18
CA ALA A 160 25.07 13.70 -9.60
C ALA A 160 26.23 14.49 -10.19
N GLY A 161 26.93 15.27 -9.37
CA GLY A 161 28.05 16.10 -9.75
C GLY A 161 27.69 17.47 -10.22
N GLY A 162 26.53 17.95 -9.79
CA GLY A 162 26.04 19.25 -10.26
C GLY A 162 24.56 19.39 -10.13
N TYR A 163 24.03 20.39 -10.80
CA TYR A 163 22.64 20.73 -10.65
C TYR A 163 21.86 21.23 -11.83
N SER A 164 22.47 21.33 -13.00
CA SER A 164 21.77 21.80 -14.20
C SER A 164 20.97 20.71 -14.90
N LEU A 165 20.19 21.12 -15.89
CA LEU A 165 19.46 20.16 -16.73
C LEU A 165 20.34 19.10 -17.41
N SER A 166 21.48 19.52 -17.92
CA SER A 166 22.42 18.56 -18.55
C SER A 166 23.00 17.56 -17.53
N VAL A 167 23.25 17.99 -16.31
CA VAL A 167 23.63 17.06 -15.25
C VAL A 167 22.46 16.12 -14.90
N ALA A 168 21.25 16.65 -14.83
CA ALA A 168 20.06 15.79 -14.61
C ALA A 168 19.95 14.69 -15.66
N LYS A 169 20.19 15.05 -16.93
CA LYS A 169 20.13 14.11 -18.04
C LYS A 169 21.16 12.96 -17.82
N THR A 170 22.40 13.28 -17.46
CA THR A 170 23.43 12.27 -17.22
C THR A 170 23.10 11.37 -16.03
N TYR A 171 22.55 11.97 -14.97
CA TYR A 171 22.17 11.21 -13.82
C TYR A 171 20.99 10.27 -14.16
N ALA A 172 20.01 10.80 -14.88
CA ALA A 172 18.90 9.97 -15.34
C ALA A 172 19.37 8.78 -16.17
N ASP A 173 20.36 9.03 -17.03
CA ASP A 173 20.91 7.91 -17.82
C ASP A 173 21.54 6.83 -16.97
N LEU A 174 22.29 7.26 -15.92
CA LEU A 174 22.88 6.32 -14.98
C LEU A 174 21.78 5.45 -14.32
N LEU A 175 20.76 6.12 -13.80
CA LEU A 175 19.67 5.42 -13.08
C LEU A 175 18.78 4.58 -13.98
N THR A 176 18.55 5.07 -15.21
CA THR A 176 17.80 4.32 -16.23
C THR A 176 18.47 2.99 -16.55
N GLU A 177 19.77 3.02 -16.74
CA GLU A 177 20.51 1.79 -16.97
C GLU A 177 20.41 0.85 -15.80
N ARG A 178 20.49 1.38 -14.58
CA ARG A 178 20.28 0.52 -13.39
C ARG A 178 18.93 -0.23 -13.39
N ILE A 179 17.86 0.43 -13.85
CA ILE A 179 16.54 -0.19 -14.01
C ILE A 179 16.51 -1.24 -15.14
N LYS A 180 17.07 -0.87 -16.29
CA LYS A 180 16.96 -1.76 -17.48
C LYS A 180 17.74 -3.05 -17.34
N THR A 181 18.97 -2.95 -16.88
CA THR A 181 19.90 -4.06 -16.87
C THR A 181 20.72 -4.18 -15.63
N GLY A 182 20.83 -3.12 -14.82
CA GLY A 182 21.71 -3.12 -13.69
C GLY A 182 21.13 -3.51 -12.39
N THR A 183 21.59 -2.83 -11.35
CA THR A 183 21.32 -3.32 -10.01
C THR A 183 19.88 -3.17 -9.51
N TYR A 184 19.02 -2.44 -10.23
CA TYR A 184 17.62 -2.42 -9.95
C TYR A 184 16.76 -3.30 -10.87
N SER A 185 17.38 -3.98 -11.83
CA SER A 185 16.63 -4.64 -12.88
C SER A 185 15.86 -5.89 -12.39
N SER A 186 16.36 -6.53 -11.35
CA SER A 186 15.69 -7.68 -10.78
C SER A 186 14.62 -7.33 -9.75
N LYS A 187 14.53 -6.05 -9.38
CA LYS A 187 13.51 -5.59 -8.41
CA LYS A 187 13.55 -5.55 -8.41
C LYS A 187 12.43 -4.73 -9.05
N LYS A 188 12.75 -4.12 -10.18
CA LYS A 188 11.86 -3.13 -10.76
C LYS A 188 10.51 -3.66 -11.19
N ASP A 189 10.37 -4.94 -11.51
CA ASP A 189 9.04 -5.44 -11.88
C ASP A 189 8.10 -5.55 -10.69
N SER A 190 8.67 -5.48 -9.49
CA SER A 190 7.85 -5.38 -8.26
C SER A 190 7.47 -3.95 -7.93
N TRP A 191 8.20 -2.98 -8.52
CA TRP A 191 7.91 -1.55 -8.26
C TRP A 191 6.57 -1.09 -8.78
N THR A 192 6.04 -1.78 -9.80
CA THR A 192 4.73 -1.48 -10.36
C THR A 192 3.64 -2.43 -9.79
N ASP A 193 3.96 -3.24 -8.79
CA ASP A 193 2.94 -4.10 -8.14
C ASP A 193 1.86 -3.19 -7.55
N GLY A 194 0.59 -3.58 -7.72
CA GLY A 194 -0.47 -2.84 -7.07
C GLY A 194 -0.89 -1.61 -7.84
N ILE A 195 -0.20 -1.23 -8.93
CA ILE A 195 -0.57 -0.04 -9.68
C ILE A 195 -1.96 -0.17 -10.29
N ASP A 196 -2.80 0.80 -10.08
CA ASP A 196 -4.22 0.71 -10.53
C ASP A 196 -4.70 2.11 -10.90
N ILE A 197 -4.86 2.30 -12.20
CA ILE A 197 -5.33 3.59 -12.76
C ILE A 197 -6.69 4.01 -12.26
N LYS A 198 -7.49 3.02 -11.85
CA LYS A 198 -8.83 3.28 -11.33
CA LYS A 198 -8.83 3.29 -11.33
C LYS A 198 -8.88 3.49 -9.82
N ASP A 199 -7.74 3.42 -9.16
CA ASP A 199 -7.63 3.69 -7.74
C ASP A 199 -6.34 4.49 -7.51
N PRO A 200 -6.33 5.76 -7.95
CA PRO A 200 -5.17 6.63 -7.75
C PRO A 200 -4.77 6.84 -6.31
N VAL A 201 -5.73 6.88 -5.38
CA VAL A 201 -5.45 7.06 -3.97
C VAL A 201 -4.69 5.83 -3.44
N SER A 202 -5.21 4.63 -3.70
CA SER A 202 -4.52 3.43 -3.30
C SER A 202 -3.12 3.38 -3.89
N THR A 203 -3.05 3.63 -5.21
CA THR A 203 -1.78 3.57 -5.89
C THR A 203 -0.73 4.52 -5.32
N SER A 204 -1.07 5.80 -5.20
CA SER A 204 -0.16 6.75 -4.68
C SER A 204 0.15 6.53 -3.21
N MET A 205 -0.81 5.99 -2.46
CA MET A 205 -0.55 5.56 -1.10
C MET A 205 0.46 4.42 -1.00
N ILE A 206 0.44 3.46 -1.91
CA ILE A 206 1.48 2.46 -1.92
C ILE A 206 2.86 3.16 -1.97
N TRP A 207 2.98 4.09 -2.91
CA TRP A 207 4.28 4.73 -3.19
C TRP A 207 4.72 5.58 -1.95
N ALA A 208 3.78 6.32 -1.40
CA ALA A 208 4.01 7.17 -0.23
C ALA A 208 4.41 6.31 0.99
N ALA A 209 3.73 5.19 1.13
CA ALA A 209 4.03 4.25 2.21
C ALA A 209 5.43 3.63 2.07
N ASP A 210 5.77 3.26 0.83
CA ASP A 210 7.08 2.73 0.52
C ASP A 210 8.16 3.78 0.88
N ALA A 211 8.06 4.98 0.34
CA ALA A 211 9.03 6.00 0.65
C ALA A 211 9.08 6.30 2.17
N ASN A 212 7.93 6.31 2.82
CA ASN A 212 7.90 6.65 4.22
C ASN A 212 8.68 5.63 5.05
N THR A 213 8.72 4.32 4.64
CA THR A 213 9.53 3.37 5.40
C THR A 213 10.97 3.79 5.55
N TYR A 214 11.50 4.50 4.56
CA TYR A 214 12.88 5.01 4.63
C TYR A 214 13.12 6.12 5.62
N VAL A 215 12.07 6.79 6.04
CA VAL A 215 12.20 7.75 7.12
C VAL A 215 12.74 7.02 8.38
N CYS A 216 12.21 5.83 8.63
CA CYS A 216 12.64 4.99 9.78
C CYS A 216 13.96 4.29 9.51
N SER A 217 14.13 3.75 8.30
CA SER A 217 15.27 2.87 8.03
C SER A 217 16.55 3.63 7.75
N THR A 218 16.43 4.91 7.33
CA THR A 218 17.54 5.65 6.72
C THR A 218 17.65 7.11 7.13
N VAL A 219 16.54 7.85 7.03
CA VAL A 219 16.62 9.29 7.25
C VAL A 219 16.95 9.61 8.71
N LEU A 220 16.23 8.98 9.60
CA LEU A 220 16.28 9.27 11.04
C LEU A 220 16.75 8.07 11.86
N ASP A 221 17.19 6.99 11.22
CA ASP A 221 17.54 5.80 11.99
C ASP A 221 18.77 6.01 12.87
N ASP A 222 19.68 6.91 12.49
CA ASP A 222 20.78 7.31 13.39
C ASP A 222 20.35 8.02 14.69
N GLY A 223 19.09 8.49 14.73
CA GLY A 223 18.65 9.30 15.84
C GLY A 223 19.00 10.76 15.71
N LEU A 224 18.25 11.59 16.45
CA LEU A 224 18.45 13.04 16.44
C LEU A 224 19.72 13.50 17.11
N ALA A 225 20.27 12.74 18.05
CA ALA A 225 21.54 13.16 18.65
C ALA A 225 22.63 13.18 17.60
N TYR A 226 22.66 12.14 16.79
CA TYR A 226 23.67 12.02 15.70
C TYR A 226 23.44 13.03 14.57
N ILE A 227 22.18 13.12 14.13
CA ILE A 227 21.74 14.10 13.10
C ILE A 227 22.02 15.54 13.47
N ASN A 228 21.81 15.88 14.73
CA ASN A 228 22.06 17.24 15.19
C ASN A 228 23.55 17.61 15.36
N SER A 229 24.43 16.62 15.55
CA SER A 229 25.81 16.84 16.04
C SER A 229 26.96 16.35 15.15
N THR A 230 26.64 15.91 13.94
CA THR A 230 27.67 15.42 13.01
C THR A 230 27.46 16.05 11.67
N ASP A 231 28.54 16.19 10.91
CA ASP A 231 28.44 16.68 9.53
C ASP A 231 27.90 15.53 8.69
N LEU A 232 26.76 15.75 8.06
CA LEU A 232 26.02 14.66 7.37
C LEU A 232 26.54 14.38 5.95
N SER A 233 27.62 15.06 5.53
CA SER A 233 28.28 14.78 4.27
C SER A 233 29.25 13.58 4.36
N GLY A 234 29.45 13.01 5.56
CA GLY A 234 30.31 11.83 5.73
C GLY A 234 29.49 10.55 5.62
N GLU A 235 29.44 9.77 6.72
CA GLU A 235 28.81 8.48 6.68
C GLU A 235 27.33 8.58 6.34
N TYR A 236 26.69 9.65 6.78
CA TYR A 236 25.25 9.83 6.55
C TYR A 236 24.92 9.88 5.04
N TYR A 237 25.71 10.65 4.29
CA TYR A 237 25.61 10.68 2.83
C TYR A 237 25.85 9.30 2.24
N ASP A 238 26.89 8.62 2.73
CA ASP A 238 27.22 7.28 2.17
C ASP A 238 26.05 6.31 2.31
N LYS A 239 25.42 6.34 3.47
CA LYS A 239 24.22 5.53 3.83
C LYS A 239 22.98 5.97 3.02
N SER A 240 22.85 7.26 2.76
CA SER A 240 21.65 7.80 2.12
C SER A 240 21.68 7.66 0.58
N GLN A 241 22.87 7.73 -0.01
CA GLN A 241 22.98 7.73 -1.44
C GLN A 241 22.23 6.56 -2.13
N PRO A 242 22.46 5.31 -1.67
CA PRO A 242 21.74 4.21 -2.35
C PRO A 242 20.21 4.31 -2.21
N VAL A 243 19.75 4.91 -1.11
CA VAL A 243 18.34 5.14 -0.91
C VAL A 243 17.73 6.22 -1.80
N PHE A 244 18.31 7.43 -1.82
CA PHE A 244 17.73 8.46 -2.68
C PHE A 244 17.85 8.08 -4.15
N GLU A 245 18.92 7.41 -4.51
CA GLU A 245 19.10 7.01 -5.93
C GLU A 245 18.05 5.96 -6.34
N GLU A 246 17.82 4.98 -5.48
CA GLU A 246 16.74 4.01 -5.75
C GLU A 246 15.37 4.67 -5.80
N LEU A 247 15.11 5.59 -4.87
CA LEU A 247 13.81 6.29 -4.84
C LEU A 247 13.58 7.20 -6.03
N ILE A 248 14.62 7.91 -6.50
CA ILE A 248 14.49 8.68 -7.73
C ILE A 248 14.16 7.76 -8.93
N ALA A 249 14.89 6.66 -9.02
CA ALA A 249 14.63 5.61 -10.06
C ALA A 249 13.19 5.08 -10.01
N LYS A 250 12.74 4.71 -8.79
CA LYS A 250 11.34 4.28 -8.58
C LYS A 250 10.32 5.32 -9.04
N ALA A 251 10.61 6.58 -8.70
CA ALA A 251 9.75 7.64 -9.10
C ALA A 251 9.65 7.75 -10.61
N GLY A 252 10.79 7.68 -11.31
CA GLY A 252 10.76 7.76 -12.77
C GLY A 252 10.05 6.60 -13.44
N TYR A 253 10.27 5.40 -12.91
CA TYR A 253 9.69 4.18 -13.45
C TYR A 253 8.19 4.12 -13.19
N ARG A 254 7.79 4.42 -11.96
CA ARG A 254 6.38 4.56 -11.64
C ARG A 254 5.65 5.68 -12.37
N LEU A 255 6.30 6.86 -12.51
CA LEU A 255 5.75 7.89 -13.35
C LEU A 255 5.48 7.44 -14.81
N ALA A 256 6.47 6.75 -15.40
CA ALA A 256 6.30 6.19 -16.76
C ALA A 256 5.09 5.23 -16.87
N ALA A 257 4.98 4.32 -15.91
CA ALA A 257 3.86 3.34 -15.86
C ALA A 257 2.52 4.04 -15.75
N TRP A 258 2.50 5.09 -14.93
CA TRP A 258 1.29 5.88 -14.70
C TRP A 258 0.91 6.61 -15.94
N LEU A 259 1.86 7.29 -16.55
CA LEU A 259 1.54 7.99 -17.84
C LEU A 259 1.07 7.03 -18.91
N ASP A 260 1.68 5.88 -18.99
CA ASP A 260 1.25 4.84 -19.93
C ASP A 260 -0.22 4.44 -19.68
N LEU A 261 -0.62 4.30 -18.42
CA LEU A 261 -2.01 3.98 -18.11
C LEU A 261 -2.96 5.12 -18.47
N ILE A 262 -2.57 6.37 -18.19
CA ILE A 262 -3.38 7.54 -18.53
C ILE A 262 -3.65 7.60 -20.03
N ALA A 263 -2.62 7.36 -20.81
CA ALA A 263 -2.68 7.48 -22.25
C ALA A 263 -3.40 6.32 -22.91
N SER A 264 -3.69 5.25 -22.16
CA SER A 264 -4.39 4.05 -22.68
C SER A 264 -5.66 3.43 -22.01
N GLN A 265 -5.95 3.70 -20.71
CA GLN A 265 -7.05 2.98 -19.96
C GLN A 265 -8.35 3.76 -19.78
N PRO A 266 -9.51 3.05 -19.74
CA PRO A 266 -10.76 3.72 -19.46
C PRO A 266 -10.94 4.09 -17.97
N SER A 267 -11.84 5.02 -17.70
CA SER A 267 -12.36 5.26 -16.35
C SER A 267 -13.38 4.15 -15.97
N TRP B 1 -8.40 -8.23 1.87
CA TRP B 1 -9.21 -7.12 2.06
C TRP B 1 -8.36 -5.90 1.95
N GLY B 2 -9.04 -4.77 1.68
CA GLY B 2 -8.44 -3.46 1.87
C GLY B 2 -8.48 -3.07 3.36
N ASN B 3 -8.10 -1.84 3.62
CA ASN B 3 -7.81 -1.44 5.00
C ASN B 3 -9.02 -1.58 5.92
N LEU B 4 -10.20 -1.16 5.46
CA LEU B 4 -11.40 -1.23 6.34
C LEU B 4 -11.69 -2.70 6.72
N GLY B 5 -11.56 -3.60 5.77
CA GLY B 5 -11.78 -5.03 6.03
C GLY B 5 -10.86 -5.53 7.16
N HIS B 6 -9.60 -5.23 7.03
CA HIS B 6 -8.58 -5.68 8.00
C HIS B 6 -8.76 -5.07 9.40
N GLU B 7 -9.11 -3.77 9.43
CA GLU B 7 -9.31 -3.10 10.70
C GLU B 7 -10.56 -3.62 11.36
N THR B 8 -11.62 -3.83 10.58
CA THR B 8 -12.87 -4.42 11.10
C THR B 8 -12.62 -5.83 11.76
N VAL B 9 -11.91 -6.66 11.05
CA VAL B 9 -11.58 -8.02 11.52
C VAL B 9 -10.84 -7.85 12.87
N ALA B 10 -9.86 -6.93 12.92
CA ALA B 10 -9.04 -6.70 14.13
C ALA B 10 -9.90 -6.20 15.32
N TYR B 11 -10.77 -5.21 15.06
CA TYR B 11 -11.66 -4.71 16.13
C TYR B 11 -12.59 -5.83 16.62
N ILE B 12 -13.12 -6.63 15.73
CA ILE B 12 -13.94 -7.78 16.15
C ILE B 12 -13.08 -8.72 17.04
N ALA B 13 -11.85 -9.04 16.63
CA ALA B 13 -11.02 -9.88 17.50
C ALA B 13 -10.83 -9.26 18.88
N GLN B 14 -10.55 -7.96 18.93
CA GLN B 14 -10.38 -7.25 20.21
C GLN B 14 -11.59 -7.44 21.11
N SER B 15 -12.78 -7.55 20.54
CA SER B 15 -14.01 -7.72 21.32
C SER B 15 -14.21 -9.13 21.86
N PHE B 16 -13.45 -10.09 21.37
CA PHE B 16 -13.59 -11.49 21.81
C PHE B 16 -12.43 -12.13 22.51
N VAL B 17 -11.26 -11.53 22.47
CA VAL B 17 -10.09 -12.10 23.17
C VAL B 17 -10.26 -12.01 24.71
N ALA B 18 -9.66 -12.96 25.40
CA ALA B 18 -9.55 -12.93 26.86
C ALA B 18 -8.71 -11.75 27.31
N SER B 19 -8.95 -11.27 28.52
CA SER B 19 -8.12 -10.18 29.07
C SER B 19 -6.66 -10.47 29.08
N SER B 20 -6.29 -11.71 29.32
CA SER B 20 -4.87 -12.06 29.37
C SER B 20 -4.26 -12.10 27.97
N THR B 21 -5.09 -12.41 26.99
CA THR B 21 -4.68 -12.34 25.58
C THR B 21 -4.46 -10.86 25.17
N GLU B 22 -5.39 -10.01 25.56
CA GLU B 22 -5.26 -8.58 25.36
C GLU B 22 -3.92 -8.09 25.91
N SER B 23 -3.63 -8.43 27.15
CA SER B 23 -2.29 -8.06 27.75
C SER B 23 -1.11 -8.54 26.96
N PHE B 24 -1.11 -9.84 26.65
CA PHE B 24 -0.07 -10.50 25.84
C PHE B 24 0.19 -9.71 24.55
N CYS B 25 -0.90 -9.42 23.84
CA CYS B 25 -0.79 -8.73 22.55
C CYS B 25 -0.30 -7.28 22.71
N GLN B 26 -0.87 -6.55 23.66
CA GLN B 26 -0.46 -5.15 23.93
C GLN B 26 1.02 -5.02 24.29
N ASN B 27 1.50 -5.98 25.04
CA ASN B 27 2.87 -6.05 25.46
C ASN B 27 3.77 -6.26 24.23
N ILE B 28 3.41 -7.21 23.34
CA ILE B 28 4.19 -7.40 22.11
C ILE B 28 4.19 -6.15 21.21
N LEU B 29 3.04 -5.56 21.05
CA LEU B 29 2.83 -4.42 20.19
C LEU B 29 3.30 -3.08 20.77
N GLY B 30 3.54 -3.00 22.08
CA GLY B 30 3.85 -1.70 22.73
C GLY B 30 2.75 -0.67 22.58
N ASP B 31 1.51 -1.10 22.70
CA ASP B 31 0.35 -0.28 22.38
C ASP B 31 -0.80 -0.80 23.25
N ASP B 32 -1.28 0.03 24.20
CA ASP B 32 -2.45 -0.30 25.01
C ASP B 32 -3.68 0.53 24.69
N SER B 33 -3.71 1.12 23.51
CA SER B 33 -4.88 1.83 23.08
C SER B 33 -6.04 0.87 22.86
N THR B 34 -7.21 1.46 22.67
CA THR B 34 -8.42 0.68 22.35
C THR B 34 -8.42 0.27 20.84
N SER B 35 -7.35 0.62 20.10
CA SER B 35 -7.15 0.19 18.70
C SER B 35 -5.92 -0.67 18.50
N TYR B 36 -5.43 -1.30 19.57
CA TYR B 36 -4.13 -1.96 19.53
C TYR B 36 -3.95 -2.99 18.40
N LEU B 37 -4.94 -3.85 18.12
CA LEU B 37 -4.82 -4.71 16.95
C LEU B 37 -5.13 -4.01 15.65
N ALA B 38 -6.20 -3.21 15.65
CA ALA B 38 -6.58 -2.49 14.44
C ALA B 38 -5.40 -1.64 13.85
N ASN B 39 -4.61 -1.05 14.75
CA ASN B 39 -3.49 -0.17 14.41
C ASN B 39 -2.41 -0.86 13.60
N VAL B 40 -2.31 -2.17 13.72
CA VAL B 40 -1.34 -2.98 13.00
C VAL B 40 -1.92 -3.86 11.90
N ALA B 41 -3.23 -3.79 11.65
CA ALA B 41 -3.89 -4.76 10.79
C ALA B 41 -3.57 -4.60 9.33
N THR B 42 -3.11 -3.40 8.95
CA THR B 42 -2.79 -3.11 7.54
C THR B 42 -1.28 -3.12 7.23
N TRP B 43 -0.45 -3.26 8.26
CA TRP B 43 0.99 -3.20 8.10
C TRP B 43 1.55 -4.15 7.01
N ALA B 44 1.12 -5.43 7.00
CA ALA B 44 1.62 -6.40 6.07
C ALA B 44 1.40 -5.94 4.61
N ASP B 45 0.31 -5.22 4.36
CA ASP B 45 0.04 -4.67 3.04
C ASP B 45 1.00 -3.58 2.64
N THR B 46 1.47 -2.75 3.55
CA THR B 46 2.55 -1.79 3.25
C THR B 46 3.85 -2.53 2.98
N TYR B 47 4.17 -3.47 3.87
CA TYR B 47 5.43 -4.18 3.80
C TYR B 47 5.67 -4.91 2.46
N LYS B 48 4.63 -5.52 1.92
CA LYS B 48 4.81 -6.32 0.69
C LYS B 48 5.13 -5.49 -0.55
N TYR B 49 4.95 -4.14 -0.50
CA TYR B 49 5.33 -3.26 -1.59
C TYR B 49 6.68 -2.60 -1.40
N THR B 50 7.39 -3.01 -0.37
CA THR B 50 8.76 -2.54 -0.16
C THR B 50 9.75 -3.57 -0.70
N ASP B 51 10.95 -3.13 -1.03
CA ASP B 51 11.97 -4.09 -1.41
C ASP B 51 12.25 -5.14 -0.30
N ALA B 52 12.30 -4.70 0.95
CA ALA B 52 12.64 -5.58 2.05
C ALA B 52 11.52 -6.65 2.24
N GLY B 53 10.25 -6.25 1.99
CA GLY B 53 9.11 -7.11 2.23
C GLY B 53 8.55 -7.83 1.04
N GLU B 54 9.18 -7.70 -0.15
CA GLU B 54 8.67 -8.30 -1.38
C GLU B 54 8.40 -9.81 -1.24
N PHE B 55 9.30 -10.49 -0.50
CA PHE B 55 9.18 -11.96 -0.27
C PHE B 55 7.82 -12.35 0.33
N SER B 56 7.19 -11.45 1.06
CA SER B 56 5.96 -11.73 1.81
C SER B 56 4.69 -11.58 0.97
N LYS B 57 4.82 -11.11 -0.27
CA LYS B 57 3.64 -10.96 -1.13
C LYS B 57 2.80 -12.23 -1.26
N PRO B 58 3.40 -13.38 -1.49
CA PRO B 58 2.59 -14.63 -1.58
C PRO B 58 1.87 -15.03 -0.30
N TYR B 59 2.24 -14.45 0.85
CA TYR B 59 1.66 -14.84 2.14
C TYR B 59 0.25 -14.34 2.33
N HIS B 60 -0.27 -13.56 1.41
CA HIS B 60 -1.63 -13.01 1.50
C HIS B 60 -2.71 -13.90 0.96
N PHE B 61 -2.32 -14.99 0.28
CA PHE B 61 -3.31 -15.79 -0.40
C PHE B 61 -2.87 -17.22 -0.56
N ILE B 62 -3.80 -18.06 -0.98
CA ILE B 62 -3.47 -19.41 -1.45
C ILE B 62 -4.20 -19.58 -2.79
N ASP B 63 -3.44 -19.84 -3.85
CA ASP B 63 -4.04 -19.86 -5.18
C ASP B 63 -4.69 -21.26 -5.44
N ALA B 64 -5.88 -21.45 -4.90
CA ALA B 64 -6.55 -22.70 -5.06
C ALA B 64 -6.82 -22.98 -6.56
N GLN B 65 -6.47 -24.19 -7.01
CA GLN B 65 -6.59 -24.57 -8.44
C GLN B 65 -7.80 -25.45 -8.65
N ASP B 66 -8.95 -24.85 -8.51
CA ASP B 66 -10.21 -25.56 -8.62
C ASP B 66 -10.91 -25.05 -9.89
N ASN B 67 -12.20 -25.35 -10.03
CA ASN B 67 -12.93 -25.03 -11.30
C ASN B 67 -14.26 -24.34 -11.00
N PRO B 68 -14.22 -23.12 -10.43
CA PRO B 68 -15.44 -22.46 -10.02
C PRO B 68 -16.21 -21.92 -11.22
N PRO B 69 -17.54 -21.91 -11.18
CA PRO B 69 -18.38 -22.22 -10.01
C PRO B 69 -18.84 -23.69 -9.92
N GLN B 70 -18.36 -24.53 -10.82
CA GLN B 70 -18.80 -25.94 -10.83
C GLN B 70 -18.26 -26.74 -9.67
N SER B 71 -17.01 -26.50 -9.34
CA SER B 71 -16.26 -27.30 -8.33
C SER B 71 -15.25 -26.39 -7.63
N CYS B 72 -15.29 -26.34 -6.29
CA CYS B 72 -14.35 -25.55 -5.53
C CYS B 72 -13.54 -26.48 -4.59
N GLY B 73 -12.33 -26.13 -4.25
CA GLY B 73 -11.55 -26.91 -3.32
C GLY B 73 -10.17 -26.33 -3.18
N VAL B 74 -9.58 -26.43 -2.01
CA VAL B 74 -8.24 -25.93 -1.75
C VAL B 74 -7.44 -27.11 -1.25
N ASP B 75 -6.20 -27.21 -1.68
CA ASP B 75 -5.34 -28.32 -1.31
C ASP B 75 -3.97 -27.73 -1.01
N TYR B 76 -3.50 -27.87 0.24
CA TYR B 76 -2.22 -27.28 0.62
C TYR B 76 -1.03 -27.64 -0.27
N ASP B 77 -0.80 -28.94 -0.43
CA ASP B 77 0.36 -29.37 -1.19
C ASP B 77 0.27 -28.93 -2.62
N ARG B 78 -0.93 -29.02 -3.21
CA ARG B 78 -1.15 -28.69 -4.61
C ARG B 78 -1.02 -27.16 -4.86
N ASP B 79 -1.44 -26.36 -3.88
CA ASP B 79 -1.80 -24.95 -4.16
C ASP B 79 -0.90 -23.96 -3.45
N CYS B 80 -0.20 -24.36 -2.40
CA CYS B 80 0.65 -23.37 -1.64
C CYS B 80 1.74 -22.75 -2.50
N GLY B 81 2.54 -23.63 -3.10
CA GLY B 81 3.63 -23.21 -4.01
C GLY B 81 4.98 -23.07 -3.31
N SER B 82 6.03 -22.95 -4.12
CA SER B 82 7.41 -22.91 -3.63
C SER B 82 7.80 -21.63 -2.85
N ALA B 83 7.00 -20.57 -2.95
CA ALA B 83 7.31 -19.32 -2.31
C ALA B 83 6.48 -19.10 -1.06
N GLY B 84 5.66 -20.07 -0.72
CA GLY B 84 4.84 -19.97 0.51
C GLY B 84 3.49 -19.34 0.16
N CYS B 85 2.62 -19.31 1.16
CA CYS B 85 1.24 -18.85 0.99
C CYS B 85 0.68 -18.47 2.33
N SER B 86 -0.58 -18.06 2.36
CA SER B 86 -1.21 -17.72 3.62
C SER B 86 -1.14 -18.78 4.67
N ILE B 87 -1.39 -20.02 4.27
CA ILE B 87 -1.36 -21.14 5.18
C ILE B 87 0.06 -21.40 5.80
N SER B 88 1.11 -21.42 4.96
CA SER B 88 2.44 -21.63 5.45
C SER B 88 2.92 -20.48 6.34
N ALA B 89 2.47 -19.26 6.03
CA ALA B 89 2.80 -18.11 6.80
C ALA B 89 2.14 -18.20 8.20
N ILE B 90 0.86 -18.57 8.25
CA ILE B 90 0.24 -18.77 9.56
C ILE B 90 1.05 -19.79 10.36
N GLN B 91 1.43 -20.89 9.74
CA GLN B 91 2.26 -21.83 10.48
C GLN B 91 3.50 -21.17 11.07
N ASN B 92 4.27 -20.55 10.19
CA ASN B 92 5.57 -20.02 10.56
CA ASN B 92 5.55 -20.00 10.58
C ASN B 92 5.44 -18.93 11.63
N TYR B 93 4.52 -17.99 11.43
CA TYR B 93 4.41 -16.88 12.34
C TYR B 93 3.72 -17.30 13.67
N THR B 94 2.77 -18.23 13.59
CA THR B 94 2.24 -18.83 14.84
C THR B 94 3.37 -19.51 15.63
N ASN B 95 4.15 -20.31 14.96
CA ASN B 95 5.28 -20.99 15.67
C ASN B 95 6.27 -20.04 16.28
N ILE B 96 6.55 -18.91 15.60
CA ILE B 96 7.37 -17.87 16.20
C ILE B 96 6.75 -17.36 17.55
N LEU B 97 5.47 -17.06 17.54
CA LEU B 97 4.80 -16.57 18.74
C LEU B 97 4.75 -17.61 19.89
N LEU B 98 4.60 -18.87 19.52
CA LEU B 98 4.55 -19.97 20.50
C LEU B 98 5.94 -20.26 21.10
N GLU B 99 6.97 -20.14 20.26
CA GLU B 99 8.37 -20.49 20.66
C GLU B 99 9.07 -19.30 21.27
N SER B 100 8.85 -18.11 20.70
CA SER B 100 9.71 -16.93 20.95
C SER B 100 8.91 -15.66 21.03
N PRO B 101 7.85 -15.62 21.85
CA PRO B 101 7.01 -14.39 21.97
C PRO B 101 7.73 -13.13 22.50
N ASN B 102 8.93 -13.33 23.09
CA ASN B 102 9.80 -12.21 23.50
C ASN B 102 11.07 -12.05 22.64
N GLY B 103 11.19 -12.80 21.55
CA GLY B 103 12.30 -12.60 20.59
C GLY B 103 12.02 -11.44 19.71
N SER B 104 13.00 -11.08 18.89
CA SER B 104 12.86 -9.89 18.05
C SER B 104 11.80 -10.08 16.93
N GLU B 105 11.52 -11.34 16.59
CA GLU B 105 10.59 -11.65 15.54
C GLU B 105 9.11 -11.62 15.92
N ALA B 106 8.79 -11.49 17.22
CA ALA B 106 7.40 -11.58 17.69
C ALA B 106 6.45 -10.48 17.25
N LEU B 107 6.96 -9.25 17.23
CA LEU B 107 6.18 -8.10 16.74
C LEU B 107 5.66 -8.28 15.32
N ASN B 108 6.54 -8.52 14.37
CA ASN B 108 6.10 -8.73 12.98
C ASN B 108 5.26 -10.00 12.87
N ALA B 109 5.63 -11.04 13.60
CA ALA B 109 4.81 -12.28 13.59
C ALA B 109 3.36 -12.02 13.97
N LEU B 110 3.13 -11.21 15.02
CA LEU B 110 1.78 -10.89 15.45
C LEU B 110 1.06 -10.02 14.42
N LYS B 111 1.74 -9.00 13.88
CA LYS B 111 1.16 -8.20 12.80
C LYS B 111 0.74 -9.04 11.57
N PHE B 112 1.59 -9.99 11.20
CA PHE B 112 1.27 -10.94 10.09
C PHE B 112 0.04 -11.77 10.40
N VAL B 113 0.00 -12.35 11.61
CA VAL B 113 -1.16 -13.21 12.00
C VAL B 113 -2.51 -12.41 11.92
N VAL B 114 -2.52 -11.21 12.49
CA VAL B 114 -3.70 -10.36 12.50
C VAL B 114 -4.19 -10.07 11.08
N HIS B 115 -3.25 -9.72 10.18
CA HIS B 115 -3.60 -9.44 8.80
C HIS B 115 -4.05 -10.66 7.98
N ILE B 116 -3.27 -11.71 8.08
CA ILE B 116 -3.41 -12.86 7.22
C ILE B 116 -4.66 -13.67 7.60
N ILE B 117 -5.04 -13.73 8.89
CA ILE B 117 -6.31 -14.44 9.22
C ILE B 117 -7.45 -13.68 8.51
N GLY B 118 -7.35 -12.35 8.47
CA GLY B 118 -8.32 -11.58 7.70
C GLY B 118 -8.33 -11.98 6.21
N ASP B 119 -7.19 -12.02 5.60
CA ASP B 119 -7.14 -12.33 4.17
C ASP B 119 -7.65 -13.71 3.82
N ILE B 120 -7.41 -14.68 4.68
CA ILE B 120 -7.86 -16.06 4.44
C ILE B 120 -9.37 -16.04 4.24
N HIS B 121 -10.08 -15.11 4.89
CA HIS B 121 -11.53 -15.02 4.82
C HIS B 121 -12.11 -14.23 3.66
N GLN B 122 -11.25 -13.64 2.83
CA GLN B 122 -11.69 -13.04 1.56
C GLN B 122 -11.66 -14.15 0.51
N PRO B 123 -12.82 -14.62 0.01
CA PRO B 123 -12.88 -15.83 -0.81
C PRO B 123 -11.92 -15.79 -1.99
N LEU B 124 -11.72 -14.61 -2.59
CA LEU B 124 -10.79 -14.51 -3.73
C LEU B 124 -9.28 -14.53 -3.37
N HIS B 125 -8.94 -14.43 -2.07
CA HIS B 125 -7.61 -14.77 -1.56
C HIS B 125 -7.42 -16.30 -1.44
N ASP B 126 -8.45 -17.08 -1.76
CA ASP B 126 -8.34 -18.54 -1.78
C ASP B 126 -8.74 -19.09 -3.14
N GLU B 127 -8.25 -18.46 -4.19
CA GLU B 127 -8.60 -18.82 -5.55
C GLU B 127 -7.55 -18.40 -6.55
N ASN B 128 -7.12 -19.30 -7.40
CA ASN B 128 -6.10 -19.03 -8.42
C ASN B 128 -6.63 -18.25 -9.62
N LEU B 129 -7.85 -18.55 -10.03
CA LEU B 129 -8.44 -18.00 -11.29
C LEU B 129 -8.17 -16.53 -11.51
N GLU B 130 -7.49 -16.21 -12.63
CA GLU B 130 -7.17 -14.81 -13.00
C GLU B 130 -6.56 -14.03 -11.85
N ALA B 131 -5.57 -14.62 -11.23
CA ALA B 131 -4.94 -14.07 -10.04
C ALA B 131 -5.92 -13.55 -8.94
N GLY B 132 -6.72 -14.48 -8.45
CA GLY B 132 -7.76 -14.21 -7.47
C GLY B 132 -8.75 -13.20 -7.99
N GLY B 133 -9.00 -13.26 -9.28
CA GLY B 133 -9.94 -12.34 -9.93
C GLY B 133 -9.43 -10.93 -10.18
N ASN B 134 -8.15 -10.65 -9.90
CA ASN B 134 -7.52 -9.38 -10.30
C ASN B 134 -7.58 -9.14 -11.82
N GLY B 135 -7.57 -10.23 -12.60
CA GLY B 135 -7.59 -10.16 -14.03
C GLY B 135 -8.96 -10.04 -14.63
N ILE B 136 -10.01 -10.05 -13.80
CA ILE B 136 -11.42 -9.99 -14.30
C ILE B 136 -11.90 -8.55 -14.19
N ASP B 137 -11.97 -7.84 -15.32
CA ASP B 137 -12.41 -6.44 -15.32
C ASP B 137 -13.90 -6.38 -15.16
N VAL B 138 -14.34 -5.50 -14.26
CA VAL B 138 -15.77 -5.32 -13.99
C VAL B 138 -16.15 -3.86 -13.98
N THR B 139 -17.44 -3.57 -14.09
CA THR B 139 -18.03 -2.27 -13.82
C THR B 139 -18.67 -2.27 -12.45
N TYR B 140 -18.33 -1.28 -11.64
CA TYR B 140 -18.91 -1.15 -10.34
C TYR B 140 -19.34 0.29 -10.17
N ASP B 141 -20.64 0.46 -10.04
CA ASP B 141 -21.28 1.77 -9.91
C ASP B 141 -20.75 2.79 -10.94
N GLY B 142 -20.71 2.31 -12.17
CA GLY B 142 -20.42 3.12 -13.34
C GLY B 142 -18.95 3.28 -13.65
N GLU B 143 -18.06 2.77 -12.81
CA GLU B 143 -16.65 2.83 -13.05
C GLU B 143 -16.00 1.44 -13.26
N THR B 144 -14.88 1.41 -14.01
CA THR B 144 -14.14 0.20 -14.27
C THR B 144 -13.24 -0.12 -13.07
N THR B 145 -13.22 -1.41 -12.72
CA THR B 145 -12.31 -1.89 -11.71
C THR B 145 -12.09 -3.35 -12.01
N ASN B 146 -11.79 -4.16 -11.01
CA ASN B 146 -11.72 -5.60 -11.21
C ASN B 146 -12.44 -6.34 -10.06
N LEU B 147 -12.69 -7.62 -10.25
CA LEU B 147 -13.51 -8.39 -9.35
C LEU B 147 -12.87 -8.48 -7.98
N HIS B 148 -11.57 -8.67 -7.97
CA HIS B 148 -10.81 -8.77 -6.69
C HIS B 148 -11.00 -7.52 -5.87
N HIS B 149 -10.87 -6.40 -6.56
CA HIS B 149 -10.93 -5.05 -5.91
C HIS B 149 -12.29 -4.78 -5.28
N ILE B 150 -13.38 -5.24 -5.93
CA ILE B 150 -14.69 -4.98 -5.37
C ILE B 150 -14.97 -5.84 -4.12
N TRP B 151 -14.35 -7.02 -4.03
CA TRP B 151 -14.40 -7.83 -2.82
C TRP B 151 -13.55 -7.29 -1.71
N ASP B 152 -12.31 -6.90 -2.05
CA ASP B 152 -11.44 -6.28 -1.04
C ASP B 152 -11.95 -4.97 -0.45
N THR B 153 -12.54 -4.15 -1.31
CA THR B 153 -12.68 -2.72 -1.03
C THR B 153 -14.07 -2.16 -1.36
N ASN B 154 -14.48 -2.11 -2.63
CA ASN B 154 -15.68 -1.36 -2.97
C ASN B 154 -16.89 -1.84 -2.17
N MET B 155 -17.15 -3.14 -2.19
CA MET B 155 -18.36 -3.63 -1.53
C MET B 155 -18.37 -3.51 -0.01
N PRO B 156 -17.29 -3.91 0.69
CA PRO B 156 -17.34 -3.73 2.15
C PRO B 156 -17.43 -2.24 2.56
N GLU B 157 -16.73 -1.37 1.80
CA GLU B 157 -16.73 0.05 2.15
CA GLU B 157 -16.72 0.07 2.08
C GLU B 157 -18.10 0.67 1.84
N GLU B 158 -18.75 0.25 0.77
CA GLU B 158 -20.14 0.64 0.53
C GLU B 158 -21.08 0.20 1.65
N ALA B 159 -20.92 -1.06 2.08
CA ALA B 159 -21.75 -1.59 3.16
C ALA B 159 -21.53 -0.90 4.49
N ALA B 160 -20.27 -0.56 4.79
CA ALA B 160 -19.88 0.04 6.04
C ALA B 160 -20.18 1.54 6.08
N GLY B 161 -20.30 2.14 4.91
CA GLY B 161 -20.57 3.57 4.74
C GLY B 161 -19.32 4.43 4.81
N GLY B 162 -18.17 3.86 4.42
CA GLY B 162 -16.94 4.60 4.45
C GLY B 162 -15.74 3.71 4.55
N TYR B 163 -14.64 4.30 4.92
CA TYR B 163 -13.37 3.57 4.88
C TYR B 163 -12.34 3.85 5.93
N SER B 164 -12.59 4.76 6.84
CA SER B 164 -11.68 5.16 7.88
C SER B 164 -11.70 4.20 9.07
N LEU B 165 -10.71 4.36 9.92
CA LEU B 165 -10.64 3.59 11.16
C LEU B 165 -11.92 3.71 12.00
N SER B 166 -12.45 4.93 12.14
CA SER B 166 -13.69 5.12 12.88
C SER B 166 -14.89 4.39 12.25
N VAL B 167 -14.96 4.38 10.93
CA VAL B 167 -15.99 3.61 10.23
C VAL B 167 -15.78 2.07 10.45
N ALA B 168 -14.51 1.63 10.47
CA ALA B 168 -14.19 0.24 10.79
C ALA B 168 -14.68 -0.15 12.20
N LYS B 169 -14.49 0.74 13.14
CA LYS B 169 -14.88 0.53 14.51
C LYS B 169 -16.39 0.32 14.55
N THR B 170 -17.15 1.19 13.91
CA THR B 170 -18.62 1.06 13.96
C THR B 170 -19.06 -0.24 13.28
N TYR B 171 -18.42 -0.58 12.14
CA TYR B 171 -18.80 -1.78 11.40
C TYR B 171 -18.50 -3.04 12.27
N ALA B 172 -17.34 -3.05 12.91
CA ALA B 172 -16.95 -4.09 13.82
C ALA B 172 -18.00 -4.23 14.94
N ASP B 173 -18.46 -3.11 15.49
CA ASP B 173 -19.51 -3.15 16.54
C ASP B 173 -20.80 -3.77 16.01
N LEU B 174 -21.19 -3.41 14.79
CA LEU B 174 -22.38 -4.00 14.18
C LEU B 174 -22.25 -5.55 14.07
N LEU B 175 -21.12 -5.99 13.54
CA LEU B 175 -20.90 -7.39 13.31
C LEU B 175 -20.72 -8.18 14.61
N THR B 176 -20.05 -7.55 15.58
CA THR B 176 -19.86 -8.13 16.94
C THR B 176 -21.24 -8.43 17.55
N GLU B 177 -22.19 -7.49 17.39
CA GLU B 177 -23.54 -7.69 17.95
C GLU B 177 -24.24 -8.85 17.24
N ARG B 178 -24.06 -8.97 15.94
CA ARG B 178 -24.62 -10.13 15.19
C ARG B 178 -24.12 -11.46 15.72
N ILE B 179 -22.86 -11.49 16.13
CA ILE B 179 -22.25 -12.69 16.75
C ILE B 179 -22.87 -12.93 18.13
N LYS B 180 -22.92 -11.89 18.94
CA LYS B 180 -23.32 -12.06 20.35
C LYS B 180 -24.76 -12.44 20.53
N THR B 181 -25.64 -11.74 19.85
CA THR B 181 -27.08 -11.85 20.05
C THR B 181 -27.92 -11.81 18.81
N GLY B 182 -27.32 -11.58 17.66
CA GLY B 182 -28.09 -11.42 16.43
C GLY B 182 -28.04 -12.61 15.51
N THR B 183 -28.03 -12.29 14.24
CA THR B 183 -28.23 -13.30 13.21
C THR B 183 -27.15 -14.41 13.12
N TYR B 184 -25.99 -14.16 13.73
CA TYR B 184 -24.93 -15.17 13.77
C TYR B 184 -24.86 -15.96 15.04
N SER B 185 -25.68 -15.61 16.04
CA SER B 185 -25.40 -16.03 17.38
C SER B 185 -25.69 -17.55 17.60
N SER B 186 -26.54 -18.11 16.78
CA SER B 186 -26.73 -19.57 16.83
C SER B 186 -25.75 -20.38 15.96
N LYS B 187 -24.97 -19.76 15.11
CA LYS B 187 -23.99 -20.44 14.25
C LYS B 187 -22.56 -20.28 14.73
N LYS B 188 -22.29 -19.19 15.46
CA LYS B 188 -20.93 -18.85 15.77
C LYS B 188 -20.16 -19.87 16.59
N ASP B 189 -20.86 -20.68 17.38
CA ASP B 189 -20.16 -21.72 18.13
C ASP B 189 -19.60 -22.86 17.28
N SER B 190 -20.07 -22.96 16.05
CA SER B 190 -19.47 -23.86 15.07
C SER B 190 -18.30 -23.29 14.33
N TRP B 191 -18.17 -21.94 14.35
CA TRP B 191 -17.06 -21.28 13.61
C TRP B 191 -15.70 -21.63 14.14
N THR B 192 -15.61 -21.98 15.42
CA THR B 192 -14.32 -22.40 16.04
C THR B 192 -14.12 -23.96 16.02
N ASP B 193 -15.01 -24.68 15.36
CA ASP B 193 -14.88 -26.15 15.28
C ASP B 193 -13.54 -26.49 14.59
N GLY B 194 -12.83 -27.50 15.09
CA GLY B 194 -11.64 -27.92 14.40
C GLY B 194 -10.34 -27.16 14.72
N ILE B 195 -10.43 -26.06 15.44
CA ILE B 195 -9.24 -25.29 15.75
C ILE B 195 -8.21 -26.04 16.59
N ASP B 196 -6.96 -26.03 16.18
CA ASP B 196 -5.91 -26.82 16.87
C ASP B 196 -4.60 -26.06 16.77
N ILE B 197 -4.20 -25.52 17.89
CA ILE B 197 -2.96 -24.71 18.01
C ILE B 197 -1.70 -25.50 17.67
N LYS B 198 -1.81 -26.83 17.78
CA LYS B 198 -0.70 -27.73 17.45
C LYS B 198 -0.77 -28.24 16.00
N ASP B 199 -1.70 -27.72 15.20
CA ASP B 199 -1.73 -27.95 13.75
C ASP B 199 -2.25 -26.67 13.08
N PRO B 200 -1.37 -25.62 13.01
CA PRO B 200 -1.70 -24.41 12.27
C PRO B 200 -2.06 -24.58 10.80
N VAL B 201 -1.43 -25.52 10.10
CA VAL B 201 -1.73 -25.73 8.65
C VAL B 201 -3.18 -26.26 8.56
N SER B 202 -3.48 -27.32 9.31
CA SER B 202 -4.85 -27.85 9.26
C SER B 202 -5.86 -26.78 9.61
N THR B 203 -5.59 -26.06 10.70
CA THR B 203 -6.55 -25.06 11.16
C THR B 203 -6.81 -23.99 10.11
N SER B 204 -5.73 -23.42 9.58
CA SER B 204 -5.91 -22.37 8.59
C SER B 204 -6.48 -22.89 7.31
N MET B 205 -6.23 -24.15 7.01
CA MET B 205 -6.87 -24.81 5.87
C MET B 205 -8.38 -24.95 6.05
N ILE B 206 -8.84 -25.17 7.27
CA ILE B 206 -10.30 -25.22 7.49
C ILE B 206 -10.90 -23.86 7.04
N TRP B 207 -10.27 -22.78 7.52
CA TRP B 207 -10.76 -21.47 7.24
C TRP B 207 -10.69 -21.10 5.76
N ALA B 208 -9.58 -21.43 5.10
CA ALA B 208 -9.41 -21.22 3.68
C ALA B 208 -10.43 -22.01 2.86
N ALA B 209 -10.63 -23.28 3.24
CA ALA B 209 -11.64 -24.14 2.58
C ALA B 209 -13.05 -23.57 2.71
N ASP B 210 -13.37 -23.09 3.90
CA ASP B 210 -14.66 -22.51 4.17
C ASP B 210 -14.88 -21.29 3.26
N ALA B 211 -13.93 -20.36 3.31
CA ALA B 211 -14.03 -19.17 2.48
C ALA B 211 -14.09 -19.50 0.98
N ASN B 212 -13.33 -20.54 0.56
CA ASN B 212 -13.29 -20.87 -0.82
C ASN B 212 -14.64 -21.40 -1.36
N THR B 213 -15.46 -22.04 -0.49
CA THR B 213 -16.77 -22.53 -0.93
C THR B 213 -17.63 -21.39 -1.49
N TYR B 214 -17.45 -20.18 -0.95
CA TYR B 214 -18.17 -19.02 -1.42
C TYR B 214 -17.76 -18.51 -2.82
N VAL B 215 -16.57 -18.91 -3.27
CA VAL B 215 -16.18 -18.64 -4.67
C VAL B 215 -17.25 -19.28 -5.57
N CYS B 216 -17.67 -20.53 -5.28
CA CYS B 216 -18.66 -21.22 -6.07
C CYS B 216 -20.09 -20.77 -5.81
N SER B 217 -20.42 -20.51 -4.57
CA SER B 217 -21.81 -20.26 -4.21
C SER B 217 -22.20 -18.81 -4.51
N THR B 218 -21.24 -17.92 -4.56
CA THR B 218 -21.48 -16.46 -4.46
C THR B 218 -20.62 -15.61 -5.42
N VAL B 219 -19.31 -15.80 -5.40
CA VAL B 219 -18.43 -14.90 -6.14
C VAL B 219 -18.67 -15.04 -7.65
N LEU B 220 -18.67 -16.29 -8.12
CA LEU B 220 -18.68 -16.60 -9.53
C LEU B 220 -19.90 -17.42 -9.93
N ASP B 221 -20.85 -17.58 -9.06
CA ASP B 221 -22.00 -18.47 -9.37
C ASP B 221 -22.84 -17.91 -10.52
N ASP B 222 -22.83 -16.60 -10.73
CA ASP B 222 -23.51 -16.02 -11.93
C ASP B 222 -22.83 -16.32 -13.25
N GLY B 223 -21.61 -16.80 -13.19
CA GLY B 223 -20.85 -17.03 -14.40
C GLY B 223 -20.16 -15.78 -14.93
N LEU B 224 -19.13 -16.03 -15.76
CA LEU B 224 -18.33 -14.91 -16.28
C LEU B 224 -19.05 -14.05 -17.32
N ALA B 225 -20.06 -14.59 -18.01
CA ALA B 225 -20.79 -13.75 -19.00
C ALA B 225 -21.50 -12.62 -18.26
N TYR B 226 -22.13 -12.97 -17.15
CA TYR B 226 -22.82 -11.99 -16.30
C TYR B 226 -21.85 -11.02 -15.63
N ILE B 227 -20.79 -11.57 -15.04
CA ILE B 227 -19.79 -10.79 -14.33
C ILE B 227 -19.08 -9.79 -15.24
N ASN B 228 -18.84 -10.21 -16.47
CA ASN B 228 -18.18 -9.37 -17.46
C ASN B 228 -19.08 -8.27 -18.07
N SER B 229 -20.39 -8.45 -18.02
CA SER B 229 -21.33 -7.62 -18.80
C SER B 229 -22.40 -6.82 -18.00
N THR B 230 -22.31 -6.85 -16.68
CA THR B 230 -23.27 -6.19 -15.80
C THR B 230 -22.51 -5.39 -14.75
N ASP B 231 -23.08 -4.27 -14.36
CA ASP B 231 -22.59 -3.49 -13.26
C ASP B 231 -22.90 -4.27 -11.97
N LEU B 232 -21.85 -4.55 -11.18
CA LEU B 232 -21.94 -5.43 -10.00
C LEU B 232 -22.34 -4.75 -8.71
N SER B 233 -22.61 -3.44 -8.77
CA SER B 233 -23.09 -2.72 -7.59
C SER B 233 -24.61 -2.82 -7.32
N GLY B 234 -25.34 -3.49 -8.18
CA GLY B 234 -26.77 -3.73 -7.99
C GLY B 234 -27.05 -5.07 -7.34
N GLU B 235 -27.62 -6.00 -8.11
CA GLU B 235 -28.00 -7.32 -7.57
C GLU B 235 -26.82 -8.07 -6.99
N TYR B 236 -25.72 -7.96 -7.69
CA TYR B 236 -24.51 -8.73 -7.27
C TYR B 236 -24.09 -8.31 -5.85
N TYR B 237 -24.04 -7.00 -5.61
CA TYR B 237 -23.74 -6.50 -4.30
C TYR B 237 -24.78 -6.99 -3.28
N ASP B 238 -26.05 -6.97 -3.67
CA ASP B 238 -27.13 -7.41 -2.73
C ASP B 238 -26.93 -8.85 -2.24
N LYS B 239 -26.57 -9.71 -3.19
CA LYS B 239 -26.24 -11.14 -3.01
C LYS B 239 -24.91 -11.34 -2.20
N SER B 240 -23.94 -10.48 -2.40
CA SER B 240 -22.63 -10.64 -1.82
C SER B 240 -22.57 -10.12 -0.36
N GLN B 241 -23.32 -9.08 -0.07
CA GLN B 241 -23.21 -8.44 1.24
C GLN B 241 -23.34 -9.42 2.46
N PRO B 242 -24.40 -10.27 2.49
CA PRO B 242 -24.50 -11.22 3.64
C PRO B 242 -23.31 -12.16 3.75
N VAL B 243 -22.70 -12.42 2.62
CA VAL B 243 -21.48 -13.26 2.58
C VAL B 243 -20.24 -12.60 3.10
N PHE B 244 -19.88 -11.43 2.54
CA PHE B 244 -18.65 -10.80 3.04
C PHE B 244 -18.81 -10.33 4.49
N GLU B 245 -20.00 -9.98 4.90
CA GLU B 245 -20.18 -9.58 6.30
C GLU B 245 -20.03 -10.76 7.24
N GLU B 246 -20.64 -11.88 6.90
CA GLU B 246 -20.39 -13.06 7.70
C GLU B 246 -18.92 -13.46 7.76
N LEU B 247 -18.27 -13.44 6.57
CA LEU B 247 -16.87 -13.83 6.53
C LEU B 247 -15.95 -12.90 7.33
N ILE B 248 -16.21 -11.58 7.29
CA ILE B 248 -15.44 -10.68 8.13
C ILE B 248 -15.66 -10.97 9.64
N ALA B 249 -16.92 -11.20 10.00
CA ALA B 249 -17.28 -11.67 11.33
C ALA B 249 -16.58 -12.96 11.78
N LYS B 250 -16.62 -13.99 10.91
CA LYS B 250 -15.87 -15.24 11.15
C LYS B 250 -14.36 -14.97 11.34
N ALA B 251 -13.81 -14.09 10.50
CA ALA B 251 -12.36 -13.85 10.58
C ALA B 251 -12.00 -13.27 11.94
N GLY B 252 -12.79 -12.31 12.40
CA GLY B 252 -12.52 -11.68 13.68
C GLY B 252 -12.66 -12.68 14.87
N TYR B 253 -13.70 -13.49 14.81
CA TYR B 253 -14.02 -14.46 15.85
C TYR B 253 -12.94 -15.56 15.91
N ARG B 254 -12.54 -16.05 14.74
CA ARG B 254 -11.46 -16.98 14.65
C ARG B 254 -10.07 -16.45 15.04
N LEU B 255 -9.78 -15.22 14.62
CA LEU B 255 -8.53 -14.54 15.03
C LEU B 255 -8.47 -14.44 16.55
N ALA B 256 -9.61 -14.07 17.17
CA ALA B 256 -9.66 -14.03 18.68
C ALA B 256 -9.33 -15.39 19.32
N ALA B 257 -9.97 -16.43 18.83
CA ALA B 257 -9.72 -17.82 19.31
C ALA B 257 -8.24 -18.24 19.15
N TRP B 258 -7.67 -17.90 17.98
CA TRP B 258 -6.30 -18.17 17.70
C TRP B 258 -5.34 -17.43 18.62
N LEU B 259 -5.57 -16.14 18.78
CA LEU B 259 -4.72 -15.36 19.71
C LEU B 259 -4.84 -15.88 21.13
N ASP B 260 -6.07 -16.20 21.55
CA ASP B 260 -6.26 -16.82 22.89
C ASP B 260 -5.41 -18.09 23.04
N LEU B 261 -5.35 -18.93 21.98
CA LEU B 261 -4.52 -20.15 22.07
C LEU B 261 -3.07 -19.83 22.10
N ILE B 262 -2.63 -18.85 21.31
CA ILE B 262 -1.19 -18.47 21.29
C ILE B 262 -0.74 -17.98 22.69
N ALA B 263 -1.55 -17.12 23.25
CA ALA B 263 -1.27 -16.50 24.54
C ALA B 263 -1.35 -17.50 25.68
N SER B 264 -2.01 -18.64 25.50
CA SER B 264 -2.01 -19.66 26.60
C SER B 264 -0.69 -20.46 26.58
N GLN B 265 0.11 -20.33 25.53
CA GLN B 265 1.51 -20.84 25.45
C GLN B 265 1.53 -22.36 25.75
N PRO B 266 0.88 -23.15 24.88
CA PRO B 266 0.98 -24.60 25.04
C PRO B 266 2.39 -25.13 24.71
N SER B 267 2.72 -26.30 25.24
CA SER B 267 4.02 -26.93 24.97
C SER B 267 4.13 -27.53 23.58
#